data_8UGW
#
_entry.id   8UGW
#
_cell.length_a   60.179
_cell.length_b   73.668
_cell.length_c   149.847
_cell.angle_alpha   90.000
_cell.angle_beta   90.000
_cell.angle_gamma   90.000
#
_symmetry.space_group_name_H-M   'P 21 21 21'
#
loop_
_entity.id
_entity.type
_entity.pdbx_description
1 polymer 'Endolysin,Adenosine receptor A2a'
2 non-polymer "2-[P-(2-CARBOXYETHYL)PHENYLETHYL-AMINO]-5'-N-ETHYLCARBOXAMIDO ADENOSINE"
#
_entity_poly.entity_id   1
_entity_poly.type   'polypeptide(L)'
_entity_poly.pdbx_seq_one_letter_code
;MKTIIALSYIFCLVFADYKDDDDGAPKDEAEKLFNQDVDAAVRGILRNAKLKPVYDSLDAVRRAALINMVFQMGETGVAG
FTNSLRMLQQKRWDEAAVNLAKSRWYNQTPNRAKRVITTFRTGTWDAYKNLSGGGGAMDIFEMLRIDEGAPPIMGSSVYI
TVELAIAVLAILGNVLVCWAVWLNSNLQNVTNYFVVSAAAADIAVGVLAIPFAITISTGFCAACHGCLFIACFVLVLTQS
TIFSMLAIAIDRYIAIRIPLRYNGLVTGTRAKGIIAICWVLSFAIGLTPMLGWNNCGQPKEGKNHSQGCGEGQVACLFED
VVPMNYMVYFNFFACVLVPLLLMMGVYLRIFLAARRQLKQMESQPLPGERARSTLQKEVHAAKSLAIYLGLFLLCWLPLH
IINCFTFFCPDCSHAPLWLMYLAIVLSHTNSVVNPFIYAYRIREFRQTFRKIIRSHVLRQQEPFKAGSLVPR
;
_entity_poly.pdbx_strand_id   A
#
# COMPACT_ATOMS: atom_id res chain seq x y z
N ASN A 35 -14.42 -9.79 29.11
CA ASN A 35 -14.28 -10.85 30.12
C ASN A 35 -15.61 -11.27 30.72
N GLN A 36 -16.36 -10.30 31.29
CA GLN A 36 -17.67 -10.57 31.86
C GLN A 36 -18.70 -10.77 30.75
N ASP A 37 -18.55 -9.94 29.69
CA ASP A 37 -19.42 -9.98 28.50
C ASP A 37 -19.24 -11.30 27.72
N VAL A 38 -18.07 -11.94 27.88
CA VAL A 38 -17.78 -13.22 27.21
C VAL A 38 -18.72 -14.30 27.74
N ASP A 39 -18.81 -14.36 29.08
CA ASP A 39 -19.68 -15.33 29.77
C ASP A 39 -21.14 -15.09 29.43
N ALA A 40 -21.53 -13.80 29.35
CA ALA A 40 -22.89 -13.42 28.99
C ALA A 40 -23.22 -13.82 27.55
N ALA A 41 -22.23 -13.70 26.64
CA ALA A 41 -22.40 -14.07 25.24
C ALA A 41 -22.65 -15.57 25.10
N VAL A 42 -21.89 -16.38 25.86
CA VAL A 42 -22.09 -17.82 25.86
C VAL A 42 -23.49 -18.16 26.38
N ARG A 43 -23.92 -17.46 27.46
CA ARG A 43 -25.27 -17.70 28.02
C ARG A 43 -26.37 -17.23 27.04
N GLY A 44 -26.05 -16.25 26.20
CA GLY A 44 -26.96 -15.78 25.16
C GLY A 44 -27.16 -16.84 24.10
N ILE A 45 -26.07 -17.53 23.74
CA ILE A 45 -26.14 -18.65 22.80
C ILE A 45 -27.05 -19.74 23.36
N LEU A 46 -26.85 -20.07 24.64
CA LEU A 46 -27.63 -21.10 25.32
C LEU A 46 -29.11 -20.74 25.35
N ARG A 47 -29.44 -19.43 25.43
CA ARG A 47 -30.85 -19.01 25.46
C ARG A 47 -31.58 -19.02 24.10
N ASN A 48 -30.85 -18.97 22.97
CA ASN A 48 -31.52 -18.92 21.68
C ASN A 48 -31.48 -20.29 20.99
N ALA A 49 -32.66 -20.89 20.79
CA ALA A 49 -32.81 -22.21 20.17
C ALA A 49 -32.25 -22.30 18.75
N LYS A 50 -31.97 -21.18 18.08
CA LYS A 50 -31.37 -21.24 16.75
C LYS A 50 -29.86 -21.33 16.83
N LEU A 51 -29.29 -20.93 17.99
CA LEU A 51 -27.83 -20.93 18.17
C LEU A 51 -27.33 -22.11 18.98
N LYS A 52 -28.04 -22.43 20.10
CA LYS A 52 -27.64 -23.48 21.04
C LYS A 52 -27.31 -24.85 20.39
N PRO A 53 -28.14 -25.41 19.46
CA PRO A 53 -27.89 -26.70 18.77
C PRO A 53 -26.69 -26.60 17.83
N VAL A 54 -26.53 -25.41 17.20
CA VAL A 54 -25.41 -25.19 16.28
C VAL A 54 -24.08 -25.14 17.08
N TYR A 55 -24.13 -24.51 18.28
CA TYR A 55 -22.98 -24.39 19.17
C TYR A 55 -22.54 -25.78 19.64
N ASP A 56 -23.49 -26.58 20.14
CA ASP A 56 -23.20 -27.93 20.61
C ASP A 56 -22.51 -28.75 19.53
N SER A 57 -22.97 -28.61 18.29
CA SER A 57 -22.40 -29.30 17.13
C SER A 57 -20.98 -28.89 16.77
N LEU A 58 -20.56 -27.68 17.16
CA LEU A 58 -19.24 -27.19 16.83
C LEU A 58 -18.16 -27.81 17.71
N ASP A 59 -16.93 -27.84 17.18
CA ASP A 59 -15.76 -28.35 17.89
C ASP A 59 -15.30 -27.33 18.94
N ALA A 60 -14.36 -27.71 19.81
CA ALA A 60 -13.90 -26.81 20.88
C ALA A 60 -13.43 -25.47 20.34
N VAL A 61 -12.67 -25.50 19.23
CA VAL A 61 -12.11 -24.28 18.65
C VAL A 61 -13.19 -23.52 17.88
N ARG A 62 -14.00 -24.26 17.11
CA ARG A 62 -15.07 -23.66 16.32
C ARG A 62 -16.12 -22.99 17.21
N ARG A 63 -16.30 -23.52 18.45
CA ARG A 63 -17.22 -22.92 19.42
C ARG A 63 -16.77 -21.50 19.80
N ALA A 64 -15.44 -21.33 19.97
CA ALA A 64 -14.88 -20.01 20.29
C ALA A 64 -15.13 -19.03 19.16
N ALA A 65 -15.02 -19.50 17.89
CA ALA A 65 -15.29 -18.63 16.76
C ALA A 65 -16.73 -18.11 16.81
N LEU A 66 -17.68 -19.00 17.16
CA LEU A 66 -19.08 -18.59 17.28
C LEU A 66 -19.25 -17.60 18.43
N ILE A 67 -18.57 -17.84 19.56
CA ILE A 67 -18.64 -16.95 20.72
C ILE A 67 -18.16 -15.55 20.35
N ASN A 68 -17.06 -15.48 19.59
CA ASN A 68 -16.50 -14.22 19.11
C ASN A 68 -17.53 -13.44 18.29
N MET A 69 -18.14 -14.17 17.32
CA MET A 69 -19.16 -13.64 16.42
C MET A 69 -20.38 -13.10 17.17
N VAL A 70 -20.86 -13.87 18.17
CA VAL A 70 -22.01 -13.51 18.99
C VAL A 70 -21.68 -12.30 19.88
N PHE A 71 -20.49 -12.33 20.47
CA PHE A 71 -19.97 -11.26 21.32
C PHE A 71 -20.03 -9.92 20.56
N GLN A 72 -19.60 -9.96 19.29
CA GLN A 72 -19.55 -8.80 18.42
C GLN A 72 -20.91 -8.19 18.06
N MET A 73 -21.82 -8.99 17.46
CA MET A 73 -23.06 -8.39 16.95
C MET A 73 -24.34 -8.74 17.74
N GLY A 74 -24.27 -9.66 18.69
CA GLY A 74 -25.44 -10.04 19.46
C GLY A 74 -26.04 -11.34 18.97
N GLU A 75 -26.72 -12.06 19.88
CA GLU A 75 -27.35 -13.36 19.57
C GLU A 75 -28.42 -13.24 18.47
N THR A 76 -29.13 -12.09 18.43
CA THR A 76 -30.18 -11.88 17.43
C THR A 76 -29.57 -11.73 16.04
N GLY A 77 -28.48 -10.96 15.97
CA GLY A 77 -27.78 -10.73 14.72
C GLY A 77 -27.25 -12.03 14.15
N VAL A 78 -26.59 -12.84 14.98
CA VAL A 78 -26.02 -14.11 14.54
C VAL A 78 -27.13 -15.09 14.15
N ALA A 79 -28.24 -15.08 14.89
CA ALA A 79 -29.38 -15.95 14.57
C ALA A 79 -30.02 -15.62 13.21
N GLY A 80 -29.70 -14.45 12.65
CA GLY A 80 -30.22 -14.05 11.34
C GLY A 80 -29.48 -14.73 10.21
N PHE A 81 -28.34 -15.40 10.53
CA PHE A 81 -27.53 -16.14 9.56
C PHE A 81 -28.06 -17.57 9.35
N THR A 82 -29.36 -17.72 9.01
CA THR A 82 -30.03 -19.02 8.87
C THR A 82 -29.28 -20.01 7.97
N ASN A 83 -28.73 -19.52 6.84
CA ASN A 83 -28.05 -20.41 5.90
C ASN A 83 -26.70 -20.87 6.43
N SER A 84 -25.90 -19.91 6.94
CA SER A 84 -24.57 -20.22 7.45
C SER A 84 -24.63 -21.10 8.71
N LEU A 85 -25.68 -20.89 9.53
CA LEU A 85 -25.91 -21.70 10.74
C LEU A 85 -26.21 -23.14 10.35
N ARG A 86 -27.00 -23.33 9.27
CA ARG A 86 -27.30 -24.67 8.78
C ARG A 86 -26.07 -25.36 8.17
N MET A 87 -25.13 -24.56 7.58
CA MET A 87 -23.92 -25.16 7.02
C MET A 87 -23.01 -25.63 8.17
N LEU A 88 -22.92 -24.81 9.23
CA LEU A 88 -22.12 -25.16 10.43
C LEU A 88 -22.69 -26.41 11.11
N GLN A 89 -24.04 -26.45 11.21
CA GLN A 89 -24.77 -27.57 11.82
C GLN A 89 -24.56 -28.87 11.02
N GLN A 90 -24.46 -28.75 9.69
CA GLN A 90 -24.23 -29.90 8.82
C GLN A 90 -22.75 -30.19 8.59
N LYS A 91 -21.87 -29.46 9.32
CA LYS A 91 -20.41 -29.65 9.25
C LYS A 91 -19.84 -29.40 7.84
N ARG A 92 -20.48 -28.47 7.08
CA ARG A 92 -20.00 -28.01 5.77
C ARG A 92 -19.20 -26.71 5.99
N TRP A 93 -18.02 -26.87 6.59
CA TRP A 93 -17.18 -25.76 7.01
C TRP A 93 -16.88 -24.79 5.90
N ASP A 94 -16.33 -25.30 4.80
CA ASP A 94 -15.95 -24.44 3.68
C ASP A 94 -17.16 -23.77 3.06
N GLU A 95 -18.33 -24.43 3.06
CA GLU A 95 -19.56 -23.84 2.56
C GLU A 95 -19.98 -22.64 3.41
N ALA A 96 -19.88 -22.82 4.76
CA ALA A 96 -20.20 -21.76 5.73
C ALA A 96 -19.27 -20.56 5.54
N ALA A 97 -17.98 -20.84 5.27
CA ALA A 97 -16.99 -19.79 5.03
C ALA A 97 -17.38 -18.93 3.84
N VAL A 98 -17.80 -19.58 2.75
CA VAL A 98 -18.22 -18.86 1.53
C VAL A 98 -19.40 -17.94 1.82
N ASN A 99 -20.42 -18.45 2.51
CA ASN A 99 -21.60 -17.67 2.80
C ASN A 99 -21.33 -16.52 3.74
N LEU A 100 -20.52 -16.77 4.79
CA LEU A 100 -20.19 -15.73 5.75
C LEU A 100 -19.41 -14.60 5.10
N ALA A 101 -18.55 -14.92 4.13
CA ALA A 101 -17.74 -13.93 3.45
C ALA A 101 -18.57 -13.04 2.51
N LYS A 102 -19.82 -13.41 2.22
CA LYS A 102 -20.70 -12.60 1.38
C LYS A 102 -21.59 -11.67 2.21
N SER A 103 -21.54 -11.81 3.54
CA SER A 103 -22.37 -11.04 4.45
C SER A 103 -22.06 -9.56 4.58
N ARG A 104 -23.04 -8.82 5.11
CA ARG A 104 -22.89 -7.42 5.46
C ARG A 104 -21.84 -7.28 6.58
N TRP A 105 -21.79 -8.31 7.45
CA TRP A 105 -20.80 -8.44 8.52
C TRP A 105 -19.38 -8.38 7.99
N TYR A 106 -19.11 -9.24 6.98
CA TYR A 106 -17.80 -9.27 6.35
C TYR A 106 -17.47 -7.93 5.71
N ASN A 107 -18.40 -7.35 4.95
CA ASN A 107 -18.11 -6.08 4.29
C ASN A 107 -17.91 -4.95 5.28
N GLN A 108 -18.52 -5.04 6.48
CA GLN A 108 -18.36 -4.02 7.50
C GLN A 108 -16.96 -4.01 8.10
N THR A 109 -16.51 -5.19 8.58
CA THR A 109 -15.19 -5.37 9.20
C THR A 109 -14.57 -6.67 8.68
N PRO A 110 -14.03 -6.67 7.44
CA PRO A 110 -13.56 -7.84 6.68
C PRO A 110 -12.36 -8.55 7.28
N ASN A 111 -11.45 -7.83 7.95
CA ASN A 111 -10.29 -8.51 8.55
C ASN A 111 -10.68 -9.35 9.77
N ARG A 112 -11.56 -8.80 10.64
CA ARG A 112 -12.00 -9.55 11.81
C ARG A 112 -12.91 -10.71 11.40
N ALA A 113 -13.79 -10.44 10.42
CA ALA A 113 -14.70 -11.47 9.90
C ALA A 113 -13.88 -12.58 9.25
N LYS A 114 -12.79 -12.19 8.52
CA LYS A 114 -11.89 -13.17 7.88
C LYS A 114 -11.22 -14.09 8.91
N ARG A 115 -10.79 -13.55 10.06
CA ARG A 115 -10.15 -14.38 11.08
C ARG A 115 -11.14 -15.35 11.71
N VAL A 116 -12.36 -14.89 11.98
CA VAL A 116 -13.39 -15.76 12.55
C VAL A 116 -13.77 -16.86 11.55
N ILE A 117 -13.87 -16.49 10.27
CA ILE A 117 -14.20 -17.40 9.18
C ILE A 117 -13.12 -18.48 9.01
N THR A 118 -11.85 -18.07 9.05
CA THR A 118 -10.72 -19.01 8.94
C THR A 118 -10.77 -20.01 10.08
N THR A 119 -11.07 -19.53 11.29
CA THR A 119 -11.17 -20.40 12.47
C THR A 119 -12.34 -21.39 12.33
N PHE A 120 -13.50 -20.92 11.83
CA PHE A 120 -14.63 -21.82 11.58
C PHE A 120 -14.31 -22.89 10.57
N ARG A 121 -13.52 -22.54 9.55
CA ARG A 121 -13.16 -23.49 8.52
C ARG A 121 -12.19 -24.58 8.97
N THR A 122 -11.13 -24.18 9.65
CA THR A 122 -10.05 -25.10 9.96
C THR A 122 -10.09 -25.75 11.33
N GLY A 123 -10.78 -25.11 12.27
CA GLY A 123 -10.79 -25.61 13.64
C GLY A 123 -9.43 -25.33 14.29
N THR A 124 -8.68 -24.35 13.75
CA THR A 124 -7.40 -23.95 14.33
C THR A 124 -7.40 -22.47 14.61
N TRP A 125 -6.31 -22.00 15.24
CA TRP A 125 -6.13 -20.57 15.45
C TRP A 125 -5.15 -20.00 14.40
N ASP A 126 -4.98 -20.67 13.23
CA ASP A 126 -4.08 -20.19 12.16
C ASP A 126 -4.16 -18.68 11.95
N ALA A 127 -5.40 -18.14 11.95
CA ALA A 127 -5.65 -16.72 11.75
C ALA A 127 -5.05 -15.84 12.86
N TYR A 128 -5.05 -16.39 14.08
CA TYR A 128 -4.55 -15.72 15.29
C TYR A 128 -3.12 -16.14 15.64
N LYS A 129 -2.33 -16.61 14.65
CA LYS A 129 -0.96 -17.06 14.88
C LYS A 129 0.00 -15.88 15.13
N ASN A 130 -0.26 -14.72 14.56
CA ASN A 130 0.67 -13.62 14.77
C ASN A 130 0.26 -12.57 15.79
N LEU A 131 1.23 -12.16 16.59
CA LEU A 131 1.09 -11.17 17.67
C LEU A 131 0.04 -11.59 18.67
N MET A 138 -3.90 -20.87 23.22
CA MET A 138 -4.93 -19.98 22.68
C MET A 138 -6.32 -20.34 23.21
N ASP A 139 -7.14 -19.29 23.48
CA ASP A 139 -8.52 -19.45 23.95
C ASP A 139 -9.36 -18.27 23.42
N ILE A 140 -10.69 -18.33 23.61
CA ILE A 140 -11.59 -17.25 23.19
C ILE A 140 -11.20 -15.89 23.78
N PHE A 141 -10.62 -15.89 24.99
CA PHE A 141 -10.24 -14.63 25.64
C PHE A 141 -9.11 -13.97 24.85
N GLU A 142 -8.11 -14.76 24.45
CA GLU A 142 -7.01 -14.21 23.66
C GLU A 142 -7.48 -13.82 22.27
N MET A 143 -8.43 -14.56 21.70
CA MET A 143 -8.99 -14.19 20.41
C MET A 143 -9.62 -12.80 20.45
N LEU A 144 -10.41 -12.55 21.49
CA LEU A 144 -11.07 -11.27 21.70
C LEU A 144 -10.07 -10.18 22.04
N ARG A 145 -8.99 -10.54 22.78
CA ARG A 145 -7.93 -9.56 23.08
C ARG A 145 -7.24 -9.03 21.81
N ILE A 146 -7.02 -9.95 20.85
CA ILE A 146 -6.37 -9.62 19.58
C ILE A 146 -7.29 -8.76 18.72
N ASP A 147 -8.56 -9.16 18.57
CA ASP A 147 -9.51 -8.45 17.75
C ASP A 147 -9.87 -7.07 18.28
N GLU A 148 -9.98 -6.93 19.60
CA GLU A 148 -10.30 -5.65 20.21
C GLU A 148 -9.10 -4.72 20.31
N GLY A 149 -7.90 -5.27 20.55
CA GLY A 149 -6.69 -4.48 20.66
C GLY A 149 -6.48 -3.95 22.09
N GLY A 155 9.12 -9.24 16.02
CA GLY A 155 8.89 -8.87 14.63
C GLY A 155 8.69 -7.38 14.44
N SER A 156 7.71 -6.83 15.20
CA SER A 156 7.36 -5.40 15.11
C SER A 156 8.55 -4.45 15.22
N SER A 157 9.47 -4.77 16.13
CA SER A 157 10.67 -3.98 16.34
C SER A 157 11.61 -3.99 15.14
N VAL A 158 11.71 -5.14 14.46
CA VAL A 158 12.59 -5.28 13.30
C VAL A 158 12.01 -4.45 12.16
N TYR A 159 10.68 -4.46 12.04
CA TYR A 159 9.97 -3.68 11.03
C TYR A 159 10.24 -2.19 11.20
N ILE A 160 10.02 -1.69 12.42
CA ILE A 160 10.20 -0.26 12.71
C ILE A 160 11.66 0.16 12.46
N THR A 161 12.63 -0.70 12.84
CA THR A 161 14.05 -0.39 12.67
C THR A 161 14.39 -0.23 11.19
N VAL A 162 13.98 -1.21 10.37
CA VAL A 162 14.26 -1.15 8.93
C VAL A 162 13.56 0.06 8.29
N GLU A 163 12.33 0.32 8.72
CA GLU A 163 11.55 1.44 8.19
C GLU A 163 12.23 2.78 8.46
N LEU A 164 12.75 2.95 9.69
CA LEU A 164 13.44 4.19 10.03
C LEU A 164 14.79 4.26 9.33
N ALA A 165 15.43 3.09 9.10
CA ALA A 165 16.70 3.06 8.37
C ALA A 165 16.48 3.59 6.94
N ILE A 166 15.34 3.21 6.33
CA ILE A 166 14.97 3.69 5.01
C ILE A 166 14.71 5.19 5.03
N ALA A 167 13.97 5.67 6.05
CA ALA A 167 13.65 7.08 6.21
C ALA A 167 14.90 7.94 6.25
N VAL A 168 15.90 7.51 7.02
CA VAL A 168 17.16 8.22 7.12
C VAL A 168 17.91 8.25 5.81
N LEU A 169 18.03 7.09 5.17
CA LEU A 169 18.72 6.95 3.90
C LEU A 169 18.09 7.83 2.83
N ALA A 170 16.75 7.84 2.83
CA ALA A 170 15.93 8.65 1.93
C ALA A 170 16.30 10.13 1.98
N ILE A 171 16.27 10.66 3.21
CA ILE A 171 16.57 12.07 3.44
C ILE A 171 17.97 12.41 3.04
N LEU A 172 18.95 11.65 3.54
CA LEU A 172 20.35 11.94 3.27
C LEU A 172 20.69 11.95 1.81
N GLY A 173 20.29 10.90 1.11
CA GLY A 173 20.56 10.74 -0.30
C GLY A 173 19.91 11.80 -1.15
N ASN A 174 18.62 12.06 -0.91
CA ASN A 174 17.89 13.01 -1.76
C ASN A 174 18.25 14.44 -1.45
N VAL A 175 18.57 14.76 -0.18
CA VAL A 175 19.06 16.11 0.13
C VAL A 175 20.39 16.36 -0.57
N LEU A 176 21.29 15.36 -0.56
CA LEU A 176 22.56 15.46 -1.26
C LEU A 176 22.37 15.80 -2.73
N VAL A 177 21.40 15.13 -3.38
CA VAL A 177 21.07 15.41 -4.77
C VAL A 177 20.63 16.86 -4.96
N CYS A 178 19.76 17.36 -4.07
CA CYS A 178 19.30 18.74 -4.17
C CYS A 178 20.42 19.73 -3.93
N TRP A 179 21.36 19.39 -3.04
CA TRP A 179 22.49 20.28 -2.77
C TRP A 179 23.38 20.41 -3.98
N ALA A 180 23.63 19.29 -4.67
CA ALA A 180 24.44 19.31 -5.88
C ALA A 180 23.88 20.30 -6.90
N VAL A 181 22.57 20.22 -7.16
CA VAL A 181 21.94 21.10 -8.14
C VAL A 181 21.87 22.56 -7.70
N TRP A 182 21.67 22.80 -6.40
CA TRP A 182 21.56 24.14 -5.87
C TRP A 182 22.92 24.85 -5.82
N LEU A 183 23.97 24.08 -5.52
CA LEU A 183 25.34 24.59 -5.42
C LEU A 183 26.00 24.73 -6.77
N ASN A 184 26.14 23.62 -7.48
CA ASN A 184 26.82 23.59 -8.77
C ASN A 184 25.98 24.22 -9.85
N SER A 185 26.43 25.38 -10.36
CA SER A 185 25.75 26.11 -11.43
C SER A 185 25.45 25.31 -12.69
N ASN A 186 26.35 24.36 -13.03
CA ASN A 186 26.21 23.58 -14.25
C ASN A 186 25.05 22.59 -14.19
N LEU A 187 24.56 22.28 -13.00
CA LEU A 187 23.46 21.34 -12.85
C LEU A 187 22.08 22.01 -12.86
N GLN A 188 21.99 23.34 -12.93
CA GLN A 188 20.67 23.97 -12.91
C GLN A 188 20.01 24.05 -14.29
N ASN A 189 19.90 22.92 -14.99
CA ASN A 189 19.23 22.85 -16.29
C ASN A 189 17.76 22.45 -16.12
N VAL A 190 17.04 22.28 -17.23
CA VAL A 190 15.61 21.95 -17.20
C VAL A 190 15.35 20.51 -16.77
N THR A 191 16.14 19.52 -17.25
CA THR A 191 15.94 18.13 -16.84
C THR A 191 15.99 17.96 -15.33
N ASN A 192 16.95 18.63 -14.69
CA ASN A 192 17.11 18.55 -13.25
C ASN A 192 15.97 19.18 -12.48
N TYR A 193 15.05 19.89 -13.15
CA TYR A 193 13.86 20.36 -12.47
C TYR A 193 13.03 19.15 -12.03
N PHE A 194 13.01 18.11 -12.88
CA PHE A 194 12.25 16.88 -12.61
C PHE A 194 12.97 16.00 -11.60
N VAL A 195 14.31 15.96 -11.71
CA VAL A 195 15.14 15.18 -10.81
C VAL A 195 15.00 15.70 -9.38
N VAL A 196 15.14 17.02 -9.22
CA VAL A 196 14.97 17.71 -7.93
C VAL A 196 13.58 17.55 -7.41
N SER A 197 12.56 17.70 -8.26
CA SER A 197 11.19 17.52 -7.83
C SER A 197 10.91 16.15 -7.23
N ALA A 198 11.43 15.09 -7.89
CA ALA A 198 11.27 13.71 -7.41
C ALA A 198 11.99 13.54 -6.08
N ALA A 199 13.23 14.04 -6.04
CA ALA A 199 14.06 14.03 -4.84
C ALA A 199 13.35 14.67 -3.64
N ALA A 200 12.74 15.86 -3.87
CA ALA A 200 12.06 16.61 -2.81
C ALA A 200 10.87 15.85 -2.26
N ALA A 201 10.06 15.28 -3.17
CA ALA A 201 8.92 14.46 -2.77
C ALA A 201 9.38 13.31 -1.87
N ASP A 202 10.46 12.62 -2.32
CA ASP A 202 11.06 11.51 -1.59
C ASP A 202 11.59 11.92 -0.21
N ILE A 203 12.10 13.17 -0.08
CA ILE A 203 12.55 13.69 1.23
C ILE A 203 11.34 13.76 2.15
N ALA A 204 10.21 14.29 1.62
CA ALA A 204 8.97 14.39 2.39
C ALA A 204 8.42 13.00 2.74
N VAL A 205 8.71 12.00 1.89
CA VAL A 205 8.29 10.62 2.19
C VAL A 205 9.08 10.12 3.41
N GLY A 206 10.39 10.38 3.40
CA GLY A 206 11.26 9.96 4.49
C GLY A 206 10.91 10.64 5.82
N VAL A 207 10.59 11.95 5.78
CA VAL A 207 10.28 12.72 6.99
C VAL A 207 8.88 12.48 7.54
N LEU A 208 7.88 12.40 6.66
CA LEU A 208 6.51 12.28 7.09
C LEU A 208 5.84 10.95 6.81
N ALA A 209 5.74 10.59 5.52
CA ALA A 209 5.02 9.40 5.07
C ALA A 209 5.44 8.12 5.73
N ILE A 210 6.74 7.81 5.78
CA ILE A 210 7.17 6.53 6.36
C ILE A 210 6.83 6.46 7.86
N PRO A 211 7.16 7.45 8.72
CA PRO A 211 6.74 7.51 10.13
C PRO A 211 5.23 7.35 10.29
N PHE A 212 4.45 7.97 9.39
CA PHE A 212 3.00 7.85 9.47
C PHE A 212 2.54 6.44 9.10
N ALA A 213 3.23 5.82 8.13
CA ALA A 213 2.92 4.47 7.67
C ALA A 213 3.19 3.46 8.78
N ILE A 214 4.21 3.76 9.61
CA ILE A 214 4.50 2.89 10.74
C ILE A 214 3.33 2.94 11.69
N THR A 215 2.88 4.15 12.07
CA THR A 215 1.74 4.32 12.95
C THR A 215 0.54 3.55 12.46
N ILE A 216 0.21 3.74 11.17
CA ILE A 216 -0.88 3.09 10.46
C ILE A 216 -0.88 1.55 10.52
N SER A 217 0.26 0.94 10.83
CA SER A 217 0.31 -0.51 10.90
C SER A 217 0.41 -1.06 12.32
N THR A 218 0.40 -0.19 13.33
CA THR A 218 0.51 -0.63 14.72
C THR A 218 -0.84 -0.78 15.42
N GLY A 219 -1.85 -0.08 14.97
CA GLY A 219 -3.15 -0.23 15.59
C GLY A 219 -3.38 0.51 16.88
N PHE A 220 -2.68 1.63 17.14
CA PHE A 220 -3.00 2.38 18.38
C PHE A 220 -4.41 3.03 18.27
N CYS A 221 -5.05 3.32 19.42
CA CYS A 221 -6.39 3.89 19.42
C CYS A 221 -6.39 5.38 19.08
N ALA A 222 -7.02 5.68 17.94
CA ALA A 222 -7.14 7.04 17.44
C ALA A 222 -8.54 7.26 16.90
N ALA A 223 -9.00 8.55 16.84
CA ALA A 223 -10.31 8.85 16.23
C ALA A 223 -10.31 8.30 14.81
N CYS A 224 -11.42 7.66 14.37
CA CYS A 224 -11.47 7.06 13.03
C CYS A 224 -11.05 8.03 11.92
N HIS A 225 -11.70 9.21 11.86
CA HIS A 225 -11.36 10.18 10.81
C HIS A 225 -9.94 10.70 10.95
N GLY A 226 -9.41 10.79 12.18
CA GLY A 226 -8.03 11.21 12.37
C GLY A 226 -7.09 10.23 11.71
N CYS A 227 -7.39 8.92 11.89
CA CYS A 227 -6.60 7.84 11.29
C CYS A 227 -6.75 7.81 9.76
N LEU A 228 -7.95 8.18 9.27
CA LEU A 228 -8.22 8.27 7.83
C LEU A 228 -7.37 9.37 7.18
N PHE A 229 -7.26 10.52 7.87
CA PHE A 229 -6.49 11.65 7.37
C PHE A 229 -5.04 11.27 7.23
N ILE A 230 -4.48 10.63 8.27
CA ILE A 230 -3.09 10.20 8.26
C ILE A 230 -2.81 9.26 7.08
N ALA A 231 -3.69 8.26 6.90
CA ALA A 231 -3.55 7.31 5.78
C ALA A 231 -3.52 8.06 4.45
N CYS A 232 -4.43 9.03 4.28
CA CYS A 232 -4.50 9.84 3.07
C CYS A 232 -3.22 10.63 2.82
N PHE A 233 -2.63 11.18 3.88
CA PHE A 233 -1.39 11.95 3.78
C PHE A 233 -0.29 11.08 3.23
N VAL A 234 -0.21 9.81 3.73
CA VAL A 234 0.78 8.85 3.22
C VAL A 234 0.53 8.54 1.75
N LEU A 235 -0.75 8.38 1.39
CA LEU A 235 -1.12 8.08 0.01
C LEU A 235 -0.70 9.21 -0.93
N VAL A 236 -0.89 10.48 -0.52
CA VAL A 236 -0.49 11.62 -1.34
C VAL A 236 1.00 11.63 -1.64
N LEU A 237 1.82 11.51 -0.60
CA LEU A 237 3.27 11.58 -0.78
C LEU A 237 3.83 10.44 -1.57
N THR A 238 3.28 9.22 -1.38
CA THR A 238 3.79 8.09 -2.15
C THR A 238 3.29 8.18 -3.58
N GLN A 239 2.11 8.73 -3.80
CA GLN A 239 1.59 8.96 -5.13
C GLN A 239 2.52 9.87 -5.93
N SER A 240 2.98 10.95 -5.24
CA SER A 240 3.88 11.95 -5.81
C SER A 240 5.17 11.38 -6.34
N THR A 241 5.75 10.41 -5.62
CA THR A 241 6.97 9.75 -6.06
C THR A 241 6.81 9.15 -7.45
N ILE A 242 5.75 8.35 -7.58
CA ILE A 242 5.40 7.66 -8.80
C ILE A 242 5.27 8.63 -9.96
N PHE A 243 4.43 9.65 -9.78
CA PHE A 243 4.20 10.65 -10.82
C PHE A 243 5.45 11.41 -11.18
N SER A 244 6.28 11.72 -10.19
CA SER A 244 7.52 12.43 -10.47
C SER A 244 8.46 11.60 -11.33
N MET A 245 8.51 10.29 -11.08
CA MET A 245 9.36 9.41 -11.91
C MET A 245 8.83 9.31 -13.33
N LEU A 246 7.51 9.30 -13.50
CA LEU A 246 6.92 9.27 -14.84
C LEU A 246 7.21 10.59 -15.56
N ALA A 247 7.18 11.72 -14.83
CA ALA A 247 7.50 13.02 -15.43
C ALA A 247 8.93 13.03 -15.93
N ILE A 248 9.85 12.42 -15.15
CA ILE A 248 11.24 12.27 -15.54
C ILE A 248 11.35 11.44 -16.81
N ALA A 249 10.61 10.31 -16.86
CA ALA A 249 10.54 9.44 -18.03
C ALA A 249 10.07 10.22 -19.27
N ILE A 250 9.05 11.09 -19.11
CA ILE A 250 8.53 11.88 -20.23
C ILE A 250 9.61 12.81 -20.77
N ASP A 251 10.33 13.47 -19.84
CA ASP A 251 11.41 14.39 -20.20
C ASP A 251 12.51 13.69 -21.02
N ARG A 252 12.98 12.53 -20.51
CA ARG A 252 14.03 11.77 -21.18
C ARG A 252 13.58 11.24 -22.52
N TYR A 253 12.36 10.71 -22.59
CA TYR A 253 11.80 10.23 -23.85
C TYR A 253 11.90 11.28 -24.98
N ILE A 254 11.45 12.51 -24.68
CA ILE A 254 11.49 13.58 -25.68
C ILE A 254 12.95 13.93 -25.99
N ALA A 255 13.81 13.94 -24.96
CA ALA A 255 15.21 14.30 -25.17
C ALA A 255 15.97 13.30 -26.06
N ILE A 256 15.58 12.02 -26.07
CA ILE A 256 16.29 11.04 -26.89
C ILE A 256 15.58 10.77 -28.20
N ARG A 257 14.23 10.92 -28.24
CA ARG A 257 13.49 10.65 -29.46
C ARG A 257 13.25 11.91 -30.32
N ILE A 258 13.26 13.10 -29.69
CA ILE A 258 13.03 14.36 -30.43
C ILE A 258 14.05 15.44 -30.01
N PRO A 259 15.38 15.19 -30.20
CA PRO A 259 16.53 16.01 -29.79
C PRO A 259 16.59 17.31 -30.55
N LEU A 260 15.92 17.35 -31.70
CA LEU A 260 15.89 18.53 -32.56
C LEU A 260 14.83 19.57 -32.12
N ARG A 261 13.93 19.17 -31.22
CA ARG A 261 12.90 20.08 -30.72
C ARG A 261 12.82 20.10 -29.19
N TYR A 262 13.70 19.35 -28.52
CA TYR A 262 13.68 19.26 -27.05
C TYR A 262 13.74 20.64 -26.37
N ASN A 263 14.69 21.48 -26.78
CA ASN A 263 14.83 22.83 -26.20
C ASN A 263 13.59 23.65 -26.47
N GLY A 264 13.14 23.60 -27.73
CA GLY A 264 11.95 24.29 -28.22
C GLY A 264 10.61 23.66 -27.89
N LEU A 265 10.56 22.65 -27.00
CA LEU A 265 9.29 21.96 -26.72
C LEU A 265 9.07 21.79 -25.22
N VAL A 266 10.12 21.36 -24.51
CA VAL A 266 10.01 21.20 -23.07
C VAL A 266 10.87 22.27 -22.42
N THR A 267 10.23 23.42 -22.18
CA THR A 267 10.88 24.58 -21.61
C THR A 267 10.89 24.51 -20.08
N GLY A 268 11.55 25.47 -19.44
CA GLY A 268 11.54 25.53 -17.98
C GLY A 268 10.11 25.75 -17.52
N THR A 269 9.37 26.63 -18.25
CA THR A 269 7.97 26.93 -17.98
C THR A 269 7.09 25.69 -18.09
N ARG A 270 7.24 24.96 -19.20
CA ARG A 270 6.46 23.75 -19.46
C ARG A 270 6.68 22.70 -18.40
N ALA A 271 7.96 22.56 -17.99
CA ALA A 271 8.39 21.60 -16.98
C ALA A 271 7.73 21.89 -15.63
N LYS A 272 7.75 23.17 -15.23
CA LYS A 272 7.13 23.62 -13.99
C LYS A 272 5.64 23.35 -14.00
N GLY A 273 5.01 23.48 -15.17
CA GLY A 273 3.60 23.19 -15.35
C GLY A 273 3.31 21.73 -15.11
N ILE A 274 4.12 20.84 -15.72
CA ILE A 274 3.97 19.39 -15.59
C ILE A 274 4.10 18.95 -14.15
N ILE A 275 5.09 19.52 -13.45
CA ILE A 275 5.35 19.19 -12.05
C ILE A 275 4.20 19.60 -11.17
N ALA A 276 3.67 20.81 -11.40
CA ALA A 276 2.53 21.30 -10.64
C ALA A 276 1.34 20.37 -10.82
N ILE A 277 1.10 19.95 -12.09
CA ILE A 277 0.02 19.02 -12.44
C ILE A 277 0.15 17.72 -11.65
N CYS A 278 1.36 17.17 -11.58
CA CYS A 278 1.60 15.95 -10.82
C CYS A 278 1.17 16.10 -9.37
N TRP A 279 1.53 17.22 -8.73
CA TRP A 279 1.15 17.45 -7.35
C TRP A 279 -0.34 17.61 -7.18
N VAL A 280 -1.02 18.28 -8.12
CA VAL A 280 -2.47 18.41 -8.07
C VAL A 280 -3.13 17.03 -8.07
N LEU A 281 -2.63 16.14 -8.96
CA LEU A 281 -3.14 14.78 -9.07
C LEU A 281 -2.87 13.97 -7.81
N SER A 282 -1.68 14.18 -7.21
CA SER A 282 -1.32 13.46 -6.00
C SER A 282 -2.25 13.77 -4.83
N PHE A 283 -2.57 15.06 -4.63
CA PHE A 283 -3.48 15.45 -3.55
C PHE A 283 -4.88 14.95 -3.85
N ALA A 284 -5.33 15.14 -5.10
CA ALA A 284 -6.65 14.72 -5.54
C ALA A 284 -6.90 13.23 -5.25
N ILE A 285 -5.91 12.41 -5.60
CA ILE A 285 -6.01 10.96 -5.42
C ILE A 285 -5.90 10.55 -3.97
N GLY A 286 -4.81 10.95 -3.32
CA GLY A 286 -4.56 10.53 -1.94
C GLY A 286 -5.62 10.98 -0.98
N LEU A 287 -6.25 12.13 -1.24
CA LEU A 287 -7.29 12.66 -0.36
C LEU A 287 -8.68 12.17 -0.73
N THR A 288 -8.82 11.42 -1.84
CA THR A 288 -10.14 10.96 -2.28
C THR A 288 -10.97 10.27 -1.19
N PRO A 289 -10.45 9.33 -0.37
CA PRO A 289 -11.16 8.65 0.72
C PRO A 289 -11.91 9.61 1.64
N MET A 290 -11.32 10.78 1.92
CA MET A 290 -11.93 11.77 2.81
C MET A 290 -13.23 12.33 2.27
N LEU A 291 -13.41 12.25 0.95
CA LEU A 291 -14.61 12.75 0.30
C LEU A 291 -15.79 11.78 0.44
N GLY A 292 -15.59 10.63 1.08
CA GLY A 292 -16.71 9.71 1.26
C GLY A 292 -16.29 8.26 1.17
N TRP A 293 -15.29 7.97 0.33
CA TRP A 293 -14.84 6.59 0.14
C TRP A 293 -13.99 6.11 1.32
N ASN A 294 -14.65 5.82 2.45
CA ASN A 294 -13.94 5.37 3.65
C ASN A 294 -14.73 4.27 4.33
N ASN A 295 -14.09 3.62 5.30
CA ASN A 295 -14.72 2.53 6.04
C ASN A 295 -15.35 2.92 7.38
N CYS A 296 -15.81 4.18 7.59
CA CYS A 296 -16.46 4.48 8.87
C CYS A 296 -17.48 5.62 8.80
N GLY A 297 -18.47 5.49 7.93
CA GLY A 297 -19.55 6.46 7.82
C GLY A 297 -20.64 6.18 8.83
N GLY A 308 -13.52 -1.53 23.53
CA GLY A 308 -12.10 -1.89 23.47
C GLY A 308 -11.26 -0.90 24.24
N CYS A 309 -11.24 0.36 23.78
CA CYS A 309 -10.46 1.42 24.41
C CYS A 309 -11.25 2.71 24.62
N GLY A 310 -12.34 2.91 23.87
CA GLY A 310 -13.17 4.09 24.09
C GLY A 310 -14.03 4.45 22.89
N GLU A 311 -15.12 5.16 23.17
CA GLU A 311 -16.08 5.59 22.15
C GLU A 311 -15.49 6.65 21.22
N GLY A 312 -15.63 6.41 19.92
CA GLY A 312 -15.16 7.33 18.89
C GLY A 312 -13.75 7.00 18.42
N GLN A 313 -13.04 6.16 19.19
CA GLN A 313 -11.69 5.77 18.83
C GLN A 313 -11.69 4.38 18.28
N VAL A 314 -10.84 4.14 17.29
CA VAL A 314 -10.71 2.83 16.65
C VAL A 314 -9.26 2.46 16.56
N ALA A 315 -8.98 1.19 16.21
CA ALA A 315 -7.61 0.79 16.05
C ALA A 315 -7.12 1.33 14.71
N CYS A 316 -6.13 2.22 14.76
CA CYS A 316 -5.61 2.86 13.57
C CYS A 316 -4.84 1.87 12.70
N LEU A 317 -5.55 1.22 11.78
CA LEU A 317 -4.96 0.25 10.88
C LEU A 317 -5.40 0.53 9.45
N PHE A 318 -4.45 0.57 8.54
CA PHE A 318 -4.69 0.89 7.14
C PHE A 318 -5.97 0.31 6.53
N GLU A 319 -6.10 -1.03 6.58
CA GLU A 319 -7.23 -1.72 5.96
C GLU A 319 -8.56 -1.52 6.72
N ASP A 320 -8.51 -1.04 7.98
CA ASP A 320 -9.74 -0.84 8.73
C ASP A 320 -10.41 0.49 8.39
N VAL A 321 -9.69 1.41 7.72
CA VAL A 321 -10.31 2.69 7.39
C VAL A 321 -10.23 2.97 5.88
N VAL A 322 -9.27 2.37 5.17
CA VAL A 322 -9.13 2.56 3.73
C VAL A 322 -9.71 1.35 3.01
N PRO A 323 -10.76 1.52 2.18
CA PRO A 323 -11.44 0.49 1.36
C PRO A 323 -10.46 -0.19 0.41
N MET A 324 -10.65 -1.50 0.25
CA MET A 324 -9.83 -2.32 -0.65
C MET A 324 -10.16 -2.14 -2.11
N ASN A 325 -11.43 -1.87 -2.43
CA ASN A 325 -11.78 -1.70 -3.84
C ASN A 325 -11.10 -0.43 -4.35
N TYR A 326 -10.98 0.58 -3.46
CA TYR A 326 -10.27 1.81 -3.79
C TYR A 326 -8.83 1.52 -4.18
N MET A 327 -8.12 0.78 -3.33
CA MET A 327 -6.72 0.49 -3.57
C MET A 327 -6.47 -0.35 -4.78
N VAL A 328 -7.36 -1.28 -5.10
CA VAL A 328 -7.14 -2.14 -6.24
C VAL A 328 -7.62 -1.50 -7.54
N TYR A 329 -8.93 -1.24 -7.61
CA TYR A 329 -9.55 -0.70 -8.82
C TYR A 329 -9.05 0.65 -9.23
N PHE A 330 -8.97 1.58 -8.27
CA PHE A 330 -8.61 2.95 -8.61
C PHE A 330 -7.14 3.22 -8.49
N ASN A 331 -6.56 2.96 -7.31
CA ASN A 331 -5.17 3.29 -7.11
C ASN A 331 -4.21 2.40 -7.90
N PHE A 332 -4.24 1.09 -7.66
CA PHE A 332 -3.33 0.16 -8.33
C PHE A 332 -3.45 0.15 -9.84
N PHE A 333 -4.63 -0.22 -10.34
CA PHE A 333 -4.79 -0.37 -11.76
C PHE A 333 -4.62 0.90 -12.56
N ALA A 334 -5.21 2.00 -12.09
CA ALA A 334 -5.22 3.22 -12.89
C ALA A 334 -4.10 4.18 -12.58
N CYS A 335 -3.57 4.18 -11.36
CA CYS A 335 -2.55 5.18 -11.04
C CYS A 335 -1.17 4.53 -10.89
N VAL A 336 -1.07 3.22 -11.08
CA VAL A 336 0.24 2.57 -10.98
C VAL A 336 0.51 1.72 -12.22
N LEU A 337 -0.35 0.76 -12.51
CA LEU A 337 -0.12 -0.11 -13.63
C LEU A 337 -0.23 0.52 -15.04
N VAL A 338 -1.38 1.13 -15.39
CA VAL A 338 -1.52 1.63 -16.75
C VAL A 338 -0.50 2.68 -17.07
N PRO A 339 -0.29 3.75 -16.26
CA PRO A 339 0.67 4.84 -16.50
C PRO A 339 2.06 4.29 -16.80
N LEU A 340 2.49 3.37 -15.92
CA LEU A 340 3.79 2.72 -15.99
C LEU A 340 4.02 1.89 -17.22
N LEU A 341 3.12 0.91 -17.42
CA LEU A 341 3.23 -0.05 -18.50
C LEU A 341 3.20 0.65 -19.82
N LEU A 342 2.40 1.71 -19.95
CA LEU A 342 2.40 2.48 -21.18
C LEU A 342 3.77 3.07 -21.46
N MET A 343 4.40 3.66 -20.43
CA MET A 343 5.72 4.25 -20.58
C MET A 343 6.76 3.23 -20.98
N MET A 344 6.66 2.03 -20.39
CA MET A 344 7.56 0.92 -20.69
C MET A 344 7.41 0.48 -22.14
N GLY A 345 6.18 0.40 -22.60
CA GLY A 345 5.85 0.01 -23.97
C GLY A 345 6.43 0.97 -24.97
N VAL A 346 6.38 2.27 -24.65
CA VAL A 346 6.93 3.30 -25.52
C VAL A 346 8.43 3.08 -25.69
N TYR A 347 9.12 2.88 -24.56
CA TYR A 347 10.54 2.63 -24.56
C TYR A 347 10.90 1.41 -25.35
N LEU A 348 10.12 0.33 -25.19
CA LEU A 348 10.34 -0.88 -25.97
C LEU A 348 10.25 -0.62 -27.47
N ARG A 349 9.25 0.15 -27.92
CA ARG A 349 9.12 0.46 -29.34
C ARG A 349 10.24 1.33 -29.88
N ILE A 350 10.74 2.26 -29.06
CA ILE A 350 11.83 3.13 -29.49
C ILE A 350 13.08 2.27 -29.67
N PHE A 351 13.29 1.36 -28.72
CA PHE A 351 14.38 0.40 -28.73
C PHE A 351 14.38 -0.50 -29.97
N LEU A 352 13.21 -1.08 -30.26
CA LEU A 352 13.08 -2.01 -31.38
C LEU A 352 13.16 -1.31 -32.74
N ALA A 353 12.72 -0.06 -32.80
CA ALA A 353 12.80 0.72 -34.03
C ALA A 353 14.24 1.09 -34.31
N ALA A 354 14.95 1.55 -33.26
CA ALA A 354 16.35 1.90 -33.30
C ALA A 354 17.21 0.73 -33.79
N ARG A 355 16.89 -0.47 -33.28
CA ARG A 355 17.63 -1.69 -33.61
C ARG A 355 17.03 -2.39 -34.83
N GLU A 369 29.00 8.38 -39.68
CA GLU A 369 29.85 8.09 -38.53
C GLU A 369 29.27 8.80 -37.30
N ARG A 370 28.89 10.08 -37.46
CA ARG A 370 28.26 10.82 -36.36
C ARG A 370 26.80 10.42 -36.23
N ALA A 371 26.21 10.02 -37.37
CA ALA A 371 24.83 9.55 -37.45
C ALA A 371 24.70 8.20 -36.71
N ARG A 372 25.82 7.47 -36.61
CA ARG A 372 25.85 6.18 -35.92
C ARG A 372 25.98 6.33 -34.40
N SER A 373 26.88 7.23 -33.97
CA SER A 373 27.07 7.48 -32.55
C SER A 373 25.81 8.00 -31.88
N THR A 374 25.08 8.87 -32.61
CA THR A 374 23.82 9.45 -32.15
C THR A 374 22.75 8.38 -31.92
N LEU A 375 22.83 7.28 -32.66
CA LEU A 375 21.83 6.21 -32.51
C LEU A 375 22.22 5.25 -31.38
N GLN A 376 23.51 4.89 -31.28
CA GLN A 376 23.97 3.98 -30.22
C GLN A 376 23.66 4.55 -28.83
N LYS A 377 23.76 5.89 -28.70
CA LYS A 377 23.43 6.57 -27.45
C LYS A 377 21.96 6.49 -27.07
N GLU A 378 21.07 6.25 -28.05
CA GLU A 378 19.63 6.18 -27.78
C GLU A 378 19.21 4.75 -27.54
N VAL A 379 19.96 3.79 -28.10
CA VAL A 379 19.69 2.38 -27.85
C VAL A 379 20.08 2.04 -26.39
N HIS A 380 21.23 2.61 -25.95
CA HIS A 380 21.69 2.46 -24.58
C HIS A 380 20.71 3.07 -23.60
N ALA A 381 20.32 4.32 -23.89
CA ALA A 381 19.34 5.04 -23.07
C ALA A 381 18.04 4.26 -22.94
N ALA A 382 17.59 3.63 -24.03
CA ALA A 382 16.35 2.85 -24.00
C ALA A 382 16.48 1.64 -23.07
N LYS A 383 17.62 0.92 -23.13
CA LYS A 383 17.82 -0.23 -22.24
C LYS A 383 17.88 0.19 -20.75
N SER A 384 18.59 1.30 -20.48
CA SER A 384 18.76 1.83 -19.12
C SER A 384 17.41 2.21 -18.50
N LEU A 385 16.62 2.96 -19.28
CA LEU A 385 15.28 3.39 -18.90
C LEU A 385 14.32 2.21 -18.65
N ALA A 386 14.37 1.19 -19.53
CA ALA A 386 13.57 -0.03 -19.37
C ALA A 386 13.90 -0.74 -18.05
N ILE A 387 15.20 -0.83 -17.72
CA ILE A 387 15.66 -1.46 -16.48
C ILE A 387 15.15 -0.69 -15.24
N TYR A 388 15.21 0.65 -15.29
CA TYR A 388 14.74 1.49 -14.18
C TYR A 388 13.27 1.27 -13.87
N LEU A 389 12.43 1.29 -14.92
CA LEU A 389 11.00 1.11 -14.78
C LEU A 389 10.69 -0.33 -14.30
N GLY A 390 11.48 -1.29 -14.77
CA GLY A 390 11.33 -2.69 -14.35
C GLY A 390 11.57 -2.84 -12.84
N LEU A 391 12.65 -2.23 -12.34
CA LEU A 391 12.99 -2.24 -10.92
C LEU A 391 11.84 -1.64 -10.08
N PHE A 392 11.34 -0.48 -10.54
CA PHE A 392 10.21 0.20 -9.94
C PHE A 392 9.03 -0.76 -9.75
N LEU A 393 8.67 -1.48 -10.80
CA LEU A 393 7.55 -2.43 -10.73
C LEU A 393 7.86 -3.60 -9.78
N LEU A 394 9.08 -4.10 -9.81
CA LEU A 394 9.47 -5.21 -8.93
C LEU A 394 9.31 -4.85 -7.44
N CYS A 395 9.50 -3.57 -7.09
CA CYS A 395 9.34 -3.16 -5.69
C CYS A 395 7.91 -2.72 -5.30
N TRP A 396 7.16 -2.15 -6.25
CA TRP A 396 5.78 -1.75 -5.96
C TRP A 396 4.76 -2.89 -6.10
N LEU A 397 5.12 -3.89 -6.89
CA LEU A 397 4.17 -4.96 -7.21
C LEU A 397 3.83 -5.90 -6.09
N PRO A 398 4.78 -6.42 -5.29
CA PRO A 398 4.58 -7.39 -4.20
C PRO A 398 3.42 -6.99 -3.27
N LEU A 399 3.46 -5.72 -2.86
CA LEU A 399 2.47 -5.14 -1.97
C LEU A 399 1.09 -5.11 -2.59
N HIS A 400 1.01 -4.64 -3.82
CA HIS A 400 -0.28 -4.52 -4.47
C HIS A 400 -0.85 -5.89 -4.84
N ILE A 401 0.01 -6.87 -5.11
CA ILE A 401 -0.46 -8.24 -5.37
C ILE A 401 -1.09 -8.84 -4.12
N ILE A 402 -0.45 -8.61 -2.94
CA ILE A 402 -0.99 -9.08 -1.66
C ILE A 402 -2.37 -8.45 -1.44
N ASN A 403 -2.48 -7.15 -1.73
CA ASN A 403 -3.76 -6.46 -1.61
C ASN A 403 -4.82 -7.08 -2.52
N CYS A 404 -4.45 -7.38 -3.78
CA CYS A 404 -5.35 -8.02 -4.73
C CYS A 404 -5.86 -9.37 -4.21
N PHE A 405 -4.96 -10.21 -3.69
CA PHE A 405 -5.38 -11.51 -3.15
C PHE A 405 -6.40 -11.36 -2.03
N THR A 406 -6.12 -10.43 -1.10
CA THR A 406 -7.03 -10.15 0.02
C THR A 406 -8.41 -9.66 -0.46
N PHE A 407 -8.43 -8.80 -1.49
CA PHE A 407 -9.65 -8.23 -2.03
C PHE A 407 -10.49 -9.18 -2.90
N PHE A 408 -9.83 -9.99 -3.72
CA PHE A 408 -10.55 -10.87 -4.64
C PHE A 408 -10.97 -12.17 -4.01
N CYS A 409 -10.17 -12.66 -3.04
CA CYS A 409 -10.47 -13.91 -2.34
C CYS A 409 -10.73 -13.65 -0.83
N PRO A 410 -11.99 -13.35 -0.42
CA PRO A 410 -12.42 -13.05 0.96
C PRO A 410 -12.37 -14.30 1.83
N ASP A 411 -12.47 -15.48 1.19
CA ASP A 411 -12.42 -16.78 1.84
C ASP A 411 -11.01 -17.14 2.35
N CYS A 412 -10.02 -16.77 1.52
CA CYS A 412 -8.58 -17.02 1.70
C CYS A 412 -8.03 -16.47 3.02
N SER A 413 -7.06 -17.19 3.60
CA SER A 413 -6.42 -16.68 4.82
C SER A 413 -5.55 -15.45 4.51
N HIS A 414 -5.61 -14.45 5.41
CA HIS A 414 -4.90 -13.18 5.21
C HIS A 414 -3.41 -13.43 5.13
N ALA A 415 -2.70 -12.59 4.34
CA ALA A 415 -1.24 -12.72 4.29
C ALA A 415 -0.68 -12.50 5.70
N PRO A 416 0.35 -13.27 6.10
CA PRO A 416 1.02 -13.26 7.41
C PRO A 416 1.74 -11.93 7.62
N LEU A 417 1.91 -11.56 8.89
CA LEU A 417 2.52 -10.31 9.30
C LEU A 417 3.87 -10.08 8.64
N TRP A 418 4.77 -11.06 8.72
CA TRP A 418 6.09 -10.93 8.11
C TRP A 418 6.04 -10.65 6.61
N LEU A 419 5.05 -11.22 5.90
CA LEU A 419 4.95 -11.05 4.47
C LEU A 419 4.46 -9.66 4.12
N MET A 420 3.37 -9.25 4.79
CA MET A 420 2.80 -7.92 4.58
C MET A 420 3.83 -6.85 4.86
N TYR A 421 4.54 -6.98 5.98
CA TYR A 421 5.58 -6.04 6.36
C TYR A 421 6.73 -6.04 5.37
N LEU A 422 7.17 -7.23 4.92
CA LEU A 422 8.24 -7.32 3.92
C LEU A 422 7.89 -6.53 2.66
N ALA A 423 6.68 -6.70 2.15
CA ALA A 423 6.20 -6.01 0.97
C ALA A 423 6.22 -4.50 1.15
N ILE A 424 5.85 -4.02 2.35
CA ILE A 424 5.81 -2.62 2.66
C ILE A 424 7.20 -2.03 2.64
N VAL A 425 8.14 -2.75 3.26
CA VAL A 425 9.54 -2.35 3.30
C VAL A 425 10.09 -2.18 1.89
N LEU A 426 9.82 -3.18 1.02
CA LEU A 426 10.31 -3.18 -0.35
C LEU A 426 9.82 -1.95 -1.12
N SER A 427 8.49 -1.73 -1.07
CA SER A 427 7.90 -0.57 -1.74
C SER A 427 8.44 0.77 -1.25
N HIS A 428 8.73 0.86 0.06
CA HIS A 428 9.25 2.12 0.56
C HIS A 428 10.70 2.35 0.21
N THR A 429 11.48 1.28 -0.02
CA THR A 429 12.87 1.48 -0.43
C THR A 429 12.92 2.11 -1.80
N ASN A 430 12.05 1.61 -2.70
CA ASN A 430 11.98 2.14 -4.06
C ASN A 430 11.46 3.57 -4.04
N SER A 431 10.44 3.83 -3.19
CA SER A 431 9.85 5.16 -3.09
C SER A 431 10.81 6.29 -2.65
N VAL A 432 12.06 5.94 -2.32
CA VAL A 432 13.04 6.94 -1.89
C VAL A 432 14.36 6.98 -2.66
N VAL A 433 14.77 5.86 -3.26
CA VAL A 433 16.04 5.78 -3.98
C VAL A 433 16.01 5.94 -5.51
N ASN A 434 14.84 6.24 -6.07
CA ASN A 434 14.71 6.39 -7.53
C ASN A 434 15.54 7.52 -8.15
N PRO A 435 15.59 8.66 -7.48
CA PRO A 435 16.29 9.84 -7.97
C PRO A 435 17.81 9.71 -7.88
N PHE A 436 18.27 9.30 -6.68
CA PHE A 436 19.67 9.13 -6.32
C PHE A 436 20.44 8.29 -7.32
N ILE A 437 19.91 7.12 -7.71
CA ILE A 437 20.61 6.22 -8.62
C ILE A 437 20.89 6.91 -9.95
N TYR A 438 19.84 7.54 -10.50
CA TYR A 438 19.93 8.27 -11.76
C TYR A 438 21.04 9.32 -11.67
N ALA A 439 21.02 10.12 -10.59
CA ALA A 439 22.00 11.18 -10.39
C ALA A 439 23.41 10.65 -10.17
N TYR A 440 23.57 9.55 -9.43
CA TYR A 440 24.89 9.00 -9.12
C TYR A 440 25.60 8.52 -10.38
N ARG A 441 24.83 8.00 -11.35
CA ARG A 441 25.39 7.59 -12.65
C ARG A 441 25.83 8.74 -13.56
N ILE A 442 25.49 9.98 -13.21
CA ILE A 442 25.88 11.15 -14.01
C ILE A 442 27.19 11.66 -13.46
N ARG A 443 28.16 11.89 -14.35
CA ARG A 443 29.50 12.32 -13.97
C ARG A 443 29.54 13.64 -13.21
N GLU A 444 28.75 14.62 -13.69
CA GLU A 444 28.68 15.95 -13.08
C GLU A 444 28.11 15.90 -11.67
N PHE A 445 27.14 15.00 -11.43
CA PHE A 445 26.59 14.85 -10.09
C PHE A 445 27.56 14.17 -9.12
N ARG A 446 28.14 13.04 -9.54
CA ARG A 446 29.05 12.26 -8.72
C ARG A 446 30.23 13.04 -8.17
N GLN A 447 30.87 13.83 -9.04
CA GLN A 447 32.00 14.65 -8.61
C GLN A 447 31.56 15.72 -7.64
N THR A 448 30.40 16.35 -7.91
CA THR A 448 29.86 17.38 -7.02
C THR A 448 29.56 16.78 -5.66
N PHE A 449 29.07 15.52 -5.63
CA PHE A 449 28.78 14.84 -4.38
C PHE A 449 30.03 14.78 -3.52
N ARG A 450 31.15 14.36 -4.13
CA ARG A 450 32.44 14.29 -3.46
C ARG A 450 32.91 15.64 -2.89
N LYS A 451 32.72 16.70 -3.69
CA LYS A 451 33.10 18.06 -3.29
C LYS A 451 32.29 18.55 -2.09
N ILE A 452 31.04 18.08 -1.94
CA ILE A 452 30.22 18.46 -0.79
C ILE A 452 30.75 17.70 0.42
N ILE A 453 30.84 16.37 0.25
CA ILE A 453 31.37 15.43 1.25
C ILE A 453 32.76 15.89 1.71
#